data_4J0U
#
_entry.id   4J0U
#
_cell.length_a   63.722
_cell.length_b   71.529
_cell.length_c   115.527
_cell.angle_alpha   90.00
_cell.angle_beta   90.00
_cell.angle_gamma   90.00
#
_symmetry.space_group_name_H-M   'P 21 21 21'
#
loop_
_entity.id
_entity.type
_entity.pdbx_description
1 polymer 'Interferon-induced protein with tetratricopeptide repeats 5'
2 water water
#
_entity_poly.entity_id   1
_entity_poly.type   'polypeptide(L)'
_entity_poly.pdbx_seq_one_letter_code
;MSEIRKDTLKAILLELECHFTWNLLKEDIDLFEVEDTIGQQLEFLTTKSRLALYNLLAYVKHLKGQNKDALECLEQAEEI
IQQEHSDKEEVRSLVTWGNYAWVYYHMDQLEEAQKYTGKIGNVCKKLSSPSNYKLECPETDCEKGWALLKFGGKYYQKAK
AAFEKALEVEPDNPEFNIGYAITVYRLDDSDREGSVKSFSLGPLRKAVTLNPDNSYIKVFLALKLQDVHAEAEGEKYIEE
ILDQISSQPYVLRYAAKFYRRKNSWNKALELLKKALEVTPTSSFLHHQMGLCYRAQMIQIKKATHNRPKGKDKLKVDELI
SSAIFHFKAAMERDSMFAFAYTDLANMYAEGGQYSNAEDIFRKALRLENITDDHKHQIHYHYGRFQEFHRKSENTAIHHY
LEALKVKDRSPLRTKLTSALKKLSTKRLCHNALDVQSLSALGFVYKLEGEKRQAAEYYEKAQKIDPENAEFLTALCELRL
SI
;
_entity_poly.pdbx_strand_id   A
#
# COMPACT_ATOMS: atom_id res chain seq x y z
N MET A 1 15.94 12.99 -34.10
CA MET A 1 15.29 12.83 -32.81
C MET A 1 15.15 14.18 -32.11
N SER A 2 14.11 14.93 -32.50
CA SER A 2 13.97 16.33 -32.10
C SER A 2 13.31 16.53 -30.74
N GLU A 3 14.00 17.27 -29.88
CA GLU A 3 13.44 17.69 -28.59
C GLU A 3 12.29 18.68 -28.80
N ILE A 4 12.34 19.41 -29.92
CA ILE A 4 11.31 20.38 -30.24
C ILE A 4 9.98 19.65 -30.43
N ARG A 5 9.95 18.74 -31.40
CA ARG A 5 8.77 17.92 -31.66
C ARG A 5 8.34 17.07 -30.45
N LYS A 6 9.31 16.55 -29.70
CA LYS A 6 8.98 15.76 -28.53
C LYS A 6 8.19 16.61 -27.55
N ASP A 7 8.67 17.82 -27.27
CA ASP A 7 7.98 18.69 -26.30
C ASP A 7 6.64 19.20 -26.82
N THR A 8 6.55 19.39 -28.13
CA THR A 8 5.31 19.85 -28.74
C THR A 8 4.25 18.78 -28.50
N LEU A 9 4.57 17.54 -28.88
CA LEU A 9 3.70 16.42 -28.55
C LEU A 9 3.37 16.39 -27.05
N LYS A 10 4.40 16.45 -26.22
CA LYS A 10 4.22 16.33 -24.78
C LYS A 10 3.18 17.33 -24.27
N ALA A 11 3.16 18.53 -24.86
CA ALA A 11 2.19 19.52 -24.41
C ALA A 11 0.77 19.01 -24.60
N ILE A 12 0.53 18.27 -25.68
CA ILE A 12 -0.76 17.62 -25.90
C ILE A 12 -0.97 16.50 -24.89
N LEU A 13 0.04 15.66 -24.73
CA LEU A 13 -0.05 14.53 -23.79
C LEU A 13 -0.49 14.95 -22.39
N LEU A 14 0.02 16.08 -21.92
CA LEU A 14 -0.33 16.59 -20.59
C LEU A 14 -1.78 17.05 -20.49
N GLU A 15 -2.44 17.19 -21.64
CA GLU A 15 -3.85 17.60 -21.68
C GLU A 15 -4.80 16.41 -21.51
N LEU A 16 -4.28 15.22 -21.72
CA LEU A 16 -5.11 14.02 -21.72
C LEU A 16 -5.57 13.65 -20.31
N GLU A 17 -6.65 12.88 -20.25
CA GLU A 17 -7.03 12.25 -19.01
C GLU A 17 -6.65 10.80 -19.13
N CYS A 18 -5.65 10.39 -18.37
CA CYS A 18 -5.24 8.99 -18.31
C CYS A 18 -4.23 8.80 -17.20
N HIS A 19 -3.76 7.57 -17.01
CA HIS A 19 -2.86 7.28 -15.89
C HIS A 19 -1.62 8.15 -15.83
N PHE A 20 -1.09 8.54 -17.00
CA PHE A 20 0.12 9.34 -17.04
C PHE A 20 -0.10 10.78 -16.57
N THR A 21 -1.34 11.21 -16.50
CA THR A 21 -1.61 12.58 -16.05
C THR A 21 -2.28 12.65 -14.67
N TRP A 22 -2.42 11.49 -14.02
CA TRP A 22 -3.11 11.47 -12.72
C TRP A 22 -2.16 11.49 -11.53
N ASN A 23 -0.90 11.87 -11.76
CA ASN A 23 0.06 12.06 -10.67
C ASN A 23 0.18 10.83 -9.77
N LEU A 24 0.25 9.67 -10.40
CA LEU A 24 0.45 8.41 -9.69
C LEU A 24 1.96 8.16 -9.60
N LEU A 25 2.56 8.48 -8.46
CA LEU A 25 4.02 8.47 -8.36
C LEU A 25 4.62 7.12 -7.96
N LYS A 26 5.58 6.62 -8.72
CA LYS A 26 6.18 5.32 -8.41
C LYS A 26 6.80 5.30 -7.01
N GLU A 27 7.26 6.45 -6.55
CA GLU A 27 7.91 6.52 -5.25
C GLU A 27 6.98 6.10 -4.14
N ASP A 28 5.68 6.22 -4.37
CA ASP A 28 4.70 5.97 -3.32
C ASP A 28 4.26 4.52 -3.21
N ILE A 29 4.79 3.67 -4.08
CA ILE A 29 4.41 2.26 -4.05
C ILE A 29 5.57 1.28 -4.25
N ASP A 30 5.34 0.02 -3.87
CA ASP A 30 6.18 -1.08 -4.26
C ASP A 30 5.64 -1.58 -5.59
N LEU A 31 6.36 -1.30 -6.66
CA LEU A 31 5.89 -1.66 -7.99
C LEU A 31 5.55 -3.13 -8.13
N PHE A 32 6.37 -4.00 -7.54
CA PHE A 32 6.18 -5.43 -7.69
C PHE A 32 4.96 -5.86 -6.92
N GLU A 33 4.71 -5.25 -5.78
CA GLU A 33 3.50 -5.58 -5.06
C GLU A 33 2.24 -5.15 -5.82
N VAL A 34 2.25 -3.92 -6.33
CA VAL A 34 1.10 -3.41 -7.05
C VAL A 34 0.85 -4.28 -8.28
N GLU A 35 1.93 -4.68 -8.95
CA GLU A 35 1.81 -5.55 -10.12
C GLU A 35 1.22 -6.92 -9.76
N ASP A 36 1.69 -7.48 -8.65
CA ASP A 36 1.16 -8.74 -8.12
C ASP A 36 -0.34 -8.64 -7.78
N THR A 37 -0.71 -7.56 -7.09
CA THR A 37 -2.10 -7.35 -6.72
C THR A 37 -3.01 -7.26 -7.95
N ILE A 38 -2.56 -6.54 -8.97
CA ILE A 38 -3.40 -6.37 -10.14
C ILE A 38 -3.55 -7.70 -10.89
N GLY A 39 -2.42 -8.40 -11.04
CA GLY A 39 -2.46 -9.73 -11.62
C GLY A 39 -3.45 -10.63 -10.89
N GLN A 40 -3.43 -10.61 -9.56
CA GLN A 40 -4.38 -11.44 -8.81
C GLN A 40 -5.82 -11.02 -9.05
N GLN A 41 -6.06 -9.72 -9.05
CA GLN A 41 -7.40 -9.20 -9.29
C GLN A 41 -7.94 -9.59 -10.67
N LEU A 42 -7.04 -9.76 -11.63
CA LEU A 42 -7.43 -10.13 -12.99
C LEU A 42 -7.78 -11.62 -13.15
N GLU A 43 -7.40 -12.44 -12.16
CA GLU A 43 -7.54 -13.90 -12.30
C GLU A 43 -8.99 -14.35 -12.36
N PHE A 44 -9.31 -15.14 -13.40
CA PHE A 44 -10.58 -15.82 -13.46
C PHE A 44 -11.72 -14.87 -13.13
N LEU A 45 -11.68 -13.66 -13.68
CA LEU A 45 -12.61 -12.59 -13.29
C LEU A 45 -13.09 -12.69 -11.85
N LYS A 48 -13.53 -8.69 -18.88
CA LYS A 48 -14.90 -8.16 -18.89
C LYS A 48 -15.03 -6.89 -18.05
N SER A 49 -14.83 -7.01 -16.74
CA SER A 49 -14.67 -5.83 -15.88
C SER A 49 -13.18 -5.56 -15.81
N ARG A 50 -12.44 -6.21 -16.70
CA ARG A 50 -10.99 -6.17 -16.74
C ARG A 50 -10.40 -4.85 -17.28
N LEU A 51 -11.23 -3.96 -17.80
CA LEU A 51 -10.71 -2.78 -18.54
C LEU A 51 -9.79 -1.86 -17.73
N ALA A 52 -10.33 -1.29 -16.65
CA ALA A 52 -9.55 -0.41 -15.77
C ALA A 52 -8.25 -1.10 -15.34
N LEU A 53 -8.34 -2.37 -15.00
CA LEU A 53 -7.17 -3.13 -14.53
C LEU A 53 -6.12 -3.24 -15.61
N TYR A 54 -6.56 -3.45 -16.86
CA TYR A 54 -5.58 -3.55 -17.93
C TYR A 54 -4.94 -2.19 -18.21
N ASN A 55 -5.73 -1.13 -18.26
CA ASN A 55 -5.15 0.22 -18.42
C ASN A 55 -4.08 0.53 -17.35
N LEU A 56 -4.45 0.24 -16.10
CA LEU A 56 -3.57 0.51 -14.96
C LEU A 56 -2.30 -0.34 -15.02
N LEU A 57 -2.50 -1.61 -15.33
CA LEU A 57 -1.40 -2.55 -15.39
C LEU A 57 -0.43 -2.07 -16.44
N ALA A 58 -0.95 -1.54 -17.55
CA ALA A 58 -0.07 -1.00 -18.58
C ALA A 58 0.80 0.13 -18.01
N TYR A 59 0.17 1.03 -17.24
CA TYR A 59 0.99 2.11 -16.64
C TYR A 59 2.07 1.55 -15.72
N VAL A 60 1.70 0.53 -14.94
CA VAL A 60 2.63 -0.09 -14.01
C VAL A 60 3.80 -0.77 -14.72
N LYS A 61 3.52 -1.46 -15.82
CA LYS A 61 4.56 -2.02 -16.67
C LYS A 61 5.51 -0.93 -17.20
N HIS A 62 4.94 0.17 -17.68
CA HIS A 62 5.78 1.30 -18.05
C HIS A 62 6.67 1.75 -16.88
N LEU A 63 6.10 1.83 -15.70
CA LEU A 63 6.89 2.28 -14.55
C LEU A 63 8.05 1.35 -14.27
N LYS A 64 7.90 0.07 -14.64
CA LYS A 64 8.92 -0.93 -14.37
C LYS A 64 9.93 -0.97 -15.50
N GLY A 65 9.70 -0.15 -16.53
CA GLY A 65 10.59 -0.09 -17.67
C GLY A 65 10.31 -1.20 -18.66
N GLN A 66 9.06 -1.62 -18.72
CA GLN A 66 8.66 -2.69 -19.62
C GLN A 66 7.60 -2.15 -20.57
N ASN A 67 8.01 -1.25 -21.46
CA ASN A 67 7.07 -0.57 -22.36
C ASN A 67 6.36 -1.50 -23.35
N LYS A 68 7.07 -2.52 -23.81
CA LYS A 68 6.45 -3.50 -24.68
C LYS A 68 5.31 -4.23 -23.96
N ASP A 69 5.56 -4.68 -22.74
CA ASP A 69 4.52 -5.30 -21.92
C ASP A 69 3.34 -4.33 -21.71
N ALA A 70 3.66 -3.05 -21.51
CA ALA A 70 2.64 -2.01 -21.46
C ALA A 70 1.72 -2.08 -22.68
N LEU A 71 2.32 -2.05 -23.87
CA LEU A 71 1.53 -2.15 -25.11
C LEU A 71 0.70 -3.43 -25.16
N GLU A 72 1.23 -4.52 -24.63
CA GLU A 72 0.47 -5.75 -24.59
C GLU A 72 -0.82 -5.55 -23.77
N CYS A 73 -0.66 -4.91 -22.61
CA CYS A 73 -1.80 -4.60 -21.75
C CYS A 73 -2.83 -3.71 -22.44
N LEU A 74 -2.36 -2.72 -23.20
CA LEU A 74 -3.31 -1.85 -23.88
C LEU A 74 -4.01 -2.62 -25.00
N GLU A 75 -3.31 -3.56 -25.61
CA GLU A 75 -3.91 -4.36 -26.66
C GLU A 75 -5.09 -5.10 -26.03
N GLN A 76 -4.86 -5.63 -24.84
CA GLN A 76 -5.91 -6.38 -24.16
C GLN A 76 -7.09 -5.49 -23.75
N ALA A 77 -6.78 -4.29 -23.26
CA ALA A 77 -7.82 -3.32 -22.94
C ALA A 77 -8.69 -3.03 -24.18
N GLU A 78 -8.03 -2.82 -25.32
CA GLU A 78 -8.74 -2.50 -26.53
C GLU A 78 -9.66 -3.65 -26.92
N GLU A 79 -9.12 -4.87 -26.86
CA GLU A 79 -9.92 -6.05 -27.13
C GLU A 79 -11.17 -6.13 -26.26
N ILE A 80 -11.03 -5.81 -24.97
CA ILE A 80 -12.16 -5.85 -24.04
C ILE A 80 -13.23 -4.83 -24.39
N ILE A 81 -12.76 -3.64 -24.76
CA ILE A 81 -13.67 -2.62 -25.25
C ILE A 81 -14.44 -3.13 -26.46
N GLN A 82 -13.72 -3.71 -27.42
CA GLN A 82 -14.36 -4.35 -28.56
C GLN A 82 -15.40 -5.37 -28.08
N GLN A 83 -15.04 -6.13 -27.04
CA GLN A 83 -15.91 -7.18 -26.53
C GLN A 83 -17.25 -6.60 -26.11
N GLU A 84 -17.23 -5.52 -25.32
CA GLU A 84 -18.50 -4.91 -24.91
C GLU A 84 -19.41 -4.66 -26.12
N HIS A 85 -18.81 -4.43 -27.29
CA HIS A 85 -19.55 -4.22 -28.54
C HIS A 85 -20.60 -3.12 -28.43
N SER A 86 -20.44 -2.23 -27.47
CA SER A 86 -21.40 -1.16 -27.22
C SER A 86 -21.30 -0.06 -28.27
N ASP A 87 -22.28 0.84 -28.28
CA ASP A 87 -22.24 1.98 -29.18
C ASP A 87 -21.27 3.03 -28.67
N LYS A 88 -20.74 2.79 -27.48
CA LYS A 88 -19.91 3.77 -26.78
C LYS A 88 -18.42 3.47 -26.91
N GLU A 89 -18.06 2.66 -27.89
CA GLU A 89 -16.67 2.24 -28.10
C GLU A 89 -15.67 3.40 -28.10
N GLU A 90 -15.82 4.30 -29.07
CA GLU A 90 -14.97 5.47 -29.15
C GLU A 90 -14.79 6.13 -27.80
N VAL A 91 -15.89 6.49 -27.16
CA VAL A 91 -15.79 7.21 -25.88
C VAL A 91 -15.19 6.33 -24.78
N ARG A 92 -15.46 5.03 -24.84
CA ARG A 92 -14.91 4.11 -23.86
C ARG A 92 -13.40 3.92 -24.06
N SER A 93 -12.89 4.40 -25.19
CA SER A 93 -11.50 4.14 -25.55
C SER A 93 -10.51 5.23 -25.11
N LEU A 94 -11.00 6.35 -24.61
CA LEU A 94 -10.13 7.52 -24.38
C LEU A 94 -8.96 7.29 -23.44
N VAL A 95 -9.17 6.56 -22.36
CA VAL A 95 -8.08 6.35 -21.42
C VAL A 95 -7.05 5.44 -22.05
N THR A 96 -7.52 4.34 -22.62
CA THR A 96 -6.62 3.40 -23.27
C THR A 96 -5.80 4.10 -24.35
N TRP A 97 -6.47 4.93 -25.15
CA TRP A 97 -5.81 5.69 -26.18
C TRP A 97 -4.78 6.65 -25.59
N GLY A 98 -5.14 7.34 -24.50
CA GLY A 98 -4.21 8.24 -23.87
C GLY A 98 -2.96 7.52 -23.40
N ASN A 99 -3.17 6.35 -22.81
CA ASN A 99 -2.07 5.52 -22.33
C ASN A 99 -1.18 5.08 -23.49
N TYR A 100 -1.81 4.69 -24.59
CA TYR A 100 -1.08 4.33 -25.82
C TYR A 100 -0.19 5.51 -26.27
N ALA A 101 -0.78 6.70 -26.25
CA ALA A 101 -0.07 7.89 -26.69
C ALA A 101 1.17 8.11 -25.83
N TRP A 102 1.01 8.07 -24.50
CA TRP A 102 2.14 8.22 -23.61
C TRP A 102 3.21 7.13 -23.75
N VAL A 103 2.80 5.87 -23.90
CA VAL A 103 3.77 4.78 -23.99
C VAL A 103 4.59 4.93 -25.27
N TYR A 104 3.91 5.23 -26.38
CA TYR A 104 4.62 5.39 -27.65
C TYR A 104 5.54 6.60 -27.60
N TYR A 105 5.10 7.64 -26.89
CA TYR A 105 5.96 8.78 -26.60
C TYR A 105 7.23 8.36 -25.85
N HIS A 106 7.08 7.53 -24.82
CA HIS A 106 8.23 7.07 -24.06
C HIS A 106 9.11 6.09 -24.84
N MET A 107 8.57 5.49 -25.89
CA MET A 107 9.38 4.63 -26.73
C MET A 107 10.03 5.39 -27.89
N ASP A 108 10.01 6.72 -27.81
CA ASP A 108 10.54 7.59 -28.87
C ASP A 108 9.86 7.36 -30.21
N GLN A 109 8.58 6.99 -30.17
CA GLN A 109 7.81 6.73 -31.38
C GLN A 109 6.69 7.74 -31.54
N LEU A 110 7.03 8.92 -32.06
CA LEU A 110 6.13 10.09 -32.00
C LEU A 110 4.93 10.10 -32.96
N GLU A 111 5.09 9.54 -34.16
CA GLU A 111 3.97 9.52 -35.10
C GLU A 111 2.84 8.62 -34.62
N GLU A 112 3.21 7.53 -33.95
CA GLU A 112 2.23 6.61 -33.38
C GLU A 112 1.47 7.33 -32.26
N ALA A 113 2.24 7.89 -31.35
CA ALA A 113 1.67 8.63 -30.22
C ALA A 113 0.68 9.65 -30.75
N GLN A 114 1.10 10.38 -31.78
CA GLN A 114 0.26 11.37 -32.44
C GLN A 114 -0.98 10.78 -33.09
N LYS A 115 -0.87 9.56 -33.61
CA LYS A 115 -2.04 8.85 -34.08
C LYS A 115 -3.09 8.83 -32.96
N TYR A 116 -2.66 8.40 -31.78
CA TYR A 116 -3.63 8.31 -30.67
C TYR A 116 -4.15 9.65 -30.15
N THR A 117 -3.27 10.65 -30.03
CA THR A 117 -3.73 11.98 -29.65
C THR A 117 -4.76 12.47 -30.68
N GLY A 118 -4.56 12.09 -31.95
CA GLY A 118 -5.46 12.46 -33.02
C GLY A 118 -6.84 11.87 -32.81
N LYS A 119 -6.88 10.55 -32.56
CA LYS A 119 -8.15 9.88 -32.28
C LYS A 119 -8.88 10.56 -31.13
N ILE A 120 -8.14 10.81 -30.06
CA ILE A 120 -8.72 11.46 -28.90
C ILE A 120 -9.32 12.83 -29.23
N GLY A 121 -8.51 13.69 -29.83
CA GLY A 121 -8.95 15.03 -30.19
C GLY A 121 -10.16 14.99 -31.11
N ASN A 122 -10.16 14.03 -32.02
CA ASN A 122 -11.25 13.86 -32.98
C ASN A 122 -12.55 13.56 -32.27
N VAL A 123 -12.49 12.60 -31.34
CA VAL A 123 -13.67 12.27 -30.57
C VAL A 123 -14.16 13.46 -29.73
N CYS A 124 -13.24 14.15 -29.07
CA CYS A 124 -13.65 15.32 -28.28
C CYS A 124 -14.29 16.40 -29.16
N LYS A 125 -13.77 16.54 -30.37
CA LYS A 125 -14.32 17.48 -31.34
C LYS A 125 -15.75 17.10 -31.72
N LYS A 126 -15.91 15.88 -32.24
CA LYS A 126 -17.23 15.39 -32.61
C LYS A 126 -18.25 15.76 -31.55
N LEU A 127 -17.91 15.48 -30.29
CA LEU A 127 -18.86 15.62 -29.20
C LEU A 127 -18.84 16.99 -28.57
N SER A 128 -18.24 17.95 -29.25
CA SER A 128 -18.20 19.34 -28.79
C SER A 128 -17.82 19.47 -27.33
N SER A 129 -16.75 18.77 -26.92
CA SER A 129 -16.27 18.92 -25.55
C SER A 129 -15.85 20.35 -25.33
N PRO A 130 -16.04 20.86 -24.11
CA PRO A 130 -15.50 22.17 -23.74
C PRO A 130 -13.96 22.15 -23.78
N SER A 131 -13.38 20.97 -23.87
CA SER A 131 -11.92 20.83 -23.96
C SER A 131 -11.50 20.07 -25.22
N ASN A 132 -10.30 20.36 -25.70
CA ASN A 132 -9.81 19.79 -26.95
C ASN A 132 -9.36 18.33 -26.87
N TYR A 133 -8.82 17.92 -25.72
CA TYR A 133 -8.31 16.55 -25.61
C TYR A 133 -8.84 15.75 -24.41
N LYS A 134 -9.89 16.27 -23.77
CA LYS A 134 -10.54 15.59 -22.66
C LYS A 134 -12.04 15.63 -22.83
N LEU A 135 -12.71 14.68 -22.19
CA LEU A 135 -14.16 14.58 -22.25
C LEU A 135 -14.68 14.18 -20.88
N GLU A 136 -15.38 15.10 -20.20
CA GLU A 136 -15.94 14.85 -18.87
C GLU A 136 -16.79 13.58 -18.88
N CYS A 137 -16.46 12.64 -18.01
CA CYS A 137 -17.03 11.30 -18.11
C CYS A 137 -17.01 10.61 -16.75
N PRO A 138 -18.17 10.08 -16.30
CA PRO A 138 -18.19 9.39 -15.02
C PRO A 138 -17.34 8.11 -15.07
N GLU A 139 -17.32 7.45 -16.23
CA GLU A 139 -16.56 6.22 -16.38
C GLU A 139 -15.08 6.50 -16.12
N THR A 140 -14.63 7.67 -16.58
CA THR A 140 -13.26 8.10 -16.40
C THR A 140 -13.00 8.41 -14.94
N ASP A 141 -13.95 9.07 -14.28
CA ASP A 141 -13.80 9.33 -12.86
C ASP A 141 -13.64 8.00 -12.14
N CYS A 142 -14.38 7.00 -12.59
CA CYS A 142 -14.32 5.69 -11.97
C CYS A 142 -12.95 5.04 -12.18
N GLU A 143 -12.45 5.06 -13.42
CA GLU A 143 -11.11 4.53 -13.70
C GLU A 143 -10.06 5.19 -12.84
N LYS A 144 -10.17 6.51 -12.71
CA LYS A 144 -9.22 7.28 -11.92
C LYS A 144 -9.29 6.84 -10.45
N GLY A 145 -10.50 6.70 -9.95
CA GLY A 145 -10.71 6.27 -8.57
C GLY A 145 -10.01 4.96 -8.30
N TRP A 146 -10.18 4.01 -9.22
CA TRP A 146 -9.51 2.71 -9.06
C TRP A 146 -7.98 2.83 -9.05
N ALA A 147 -7.45 3.62 -9.98
CA ALA A 147 -5.99 3.80 -10.02
C ALA A 147 -5.41 4.42 -8.74
N LEU A 148 -6.07 5.48 -8.27
CA LEU A 148 -5.64 6.16 -7.04
C LEU A 148 -5.69 5.16 -5.89
N LEU A 149 -6.83 4.50 -5.75
CA LEU A 149 -6.98 3.48 -4.70
C LEU A 149 -5.81 2.49 -4.71
N LYS A 150 -5.45 1.99 -5.89
CA LYS A 150 -4.35 1.04 -6.02
C LYS A 150 -3.01 1.63 -5.64
N PHE A 151 -2.88 2.95 -5.74
CA PHE A 151 -1.62 3.57 -5.33
C PHE A 151 -1.47 3.81 -3.81
N GLY A 152 -2.50 3.48 -3.04
CA GLY A 152 -2.30 3.39 -1.59
C GLY A 152 -2.73 4.58 -0.73
N GLY A 153 -2.31 4.55 0.53
CA GLY A 153 -2.84 5.45 1.55
C GLY A 153 -2.71 6.94 1.27
N LYS A 154 -1.64 7.32 0.58
CA LYS A 154 -1.47 8.71 0.18
C LYS A 154 -2.51 9.15 -0.86
N TYR A 155 -3.27 8.21 -1.40
CA TYR A 155 -4.22 8.50 -2.48
C TYR A 155 -5.70 8.26 -2.16
N TYR A 156 -5.98 7.75 -0.97
CA TYR A 156 -7.35 7.34 -0.65
C TYR A 156 -8.35 8.49 -0.71
N GLN A 157 -8.00 9.64 -0.14
CA GLN A 157 -8.92 10.77 -0.21
C GLN A 157 -9.18 11.14 -1.65
N LYS A 158 -8.13 11.15 -2.47
CA LYS A 158 -8.29 11.47 -3.87
C LYS A 158 -9.23 10.43 -4.50
N ALA A 159 -9.02 9.16 -4.15
CA ALA A 159 -9.85 8.14 -4.76
C ALA A 159 -11.30 8.41 -4.38
N LYS A 160 -11.51 8.74 -3.10
CA LYS A 160 -12.87 8.94 -2.64
C LYS A 160 -13.51 10.05 -3.46
N ALA A 161 -12.75 11.11 -3.69
CA ALA A 161 -13.31 12.24 -4.44
C ALA A 161 -13.69 11.78 -5.83
N ALA A 162 -12.81 11.00 -6.45
CA ALA A 162 -13.08 10.56 -7.81
C ALA A 162 -14.37 9.77 -7.78
N PHE A 163 -14.50 8.85 -6.82
CA PHE A 163 -15.69 8.02 -6.86
C PHE A 163 -16.91 8.89 -6.58
N GLU A 164 -16.77 9.84 -5.67
CA GLU A 164 -17.93 10.68 -5.39
C GLU A 164 -18.37 11.40 -6.65
N LYS A 165 -17.38 11.85 -7.43
CA LYS A 165 -17.69 12.62 -8.62
C LYS A 165 -18.55 11.77 -9.54
N ALA A 166 -18.18 10.50 -9.67
CA ALA A 166 -18.90 9.60 -10.55
C ALA A 166 -20.30 9.38 -9.99
N LEU A 167 -20.36 9.19 -8.67
CA LEU A 167 -21.63 8.93 -8.02
C LEU A 167 -22.55 10.16 -8.18
N GLU A 168 -21.95 11.33 -8.33
CA GLU A 168 -22.74 12.55 -8.58
C GLU A 168 -23.68 12.29 -9.74
N VAL A 169 -23.17 11.66 -10.78
CA VAL A 169 -23.91 11.47 -12.02
C VAL A 169 -24.83 10.25 -11.94
N GLU A 170 -24.32 9.18 -11.32
CA GLU A 170 -25.08 7.94 -11.19
C GLU A 170 -24.92 7.34 -9.80
N PRO A 171 -25.72 7.81 -8.86
CA PRO A 171 -25.76 7.42 -7.43
C PRO A 171 -25.97 5.94 -7.22
N ASP A 172 -26.55 5.25 -8.20
CA ASP A 172 -26.88 3.84 -8.01
C ASP A 172 -26.16 2.92 -8.99
N ASN A 173 -25.14 3.44 -9.66
CA ASN A 173 -24.30 2.63 -10.51
C ASN A 173 -23.60 1.55 -9.64
N PRO A 174 -23.75 0.27 -10.02
CA PRO A 174 -23.15 -0.79 -9.21
C PRO A 174 -21.62 -0.67 -9.04
N GLU A 175 -20.92 -0.52 -10.16
CA GLU A 175 -19.46 -0.37 -10.14
C GLU A 175 -18.98 0.85 -9.33
N PHE A 176 -19.60 2.01 -9.53
CA PHE A 176 -19.18 3.20 -8.80
C PHE A 176 -19.33 2.97 -7.30
N ASN A 177 -20.40 2.28 -6.92
CA ASN A 177 -20.66 2.03 -5.51
C ASN A 177 -19.65 1.06 -4.92
N ILE A 178 -19.22 0.06 -5.70
CA ILE A 178 -18.16 -0.82 -5.22
C ILE A 178 -16.88 -0.02 -4.95
N GLY A 179 -16.47 0.79 -5.93
CA GLY A 179 -15.28 1.58 -5.75
C GLY A 179 -15.35 2.51 -4.55
N TYR A 180 -16.45 3.25 -4.43
CA TYR A 180 -16.64 4.12 -3.28
C TYR A 180 -16.57 3.35 -1.94
N ALA A 181 -17.32 2.25 -1.85
CA ALA A 181 -17.39 1.50 -0.60
C ALA A 181 -16.03 0.94 -0.20
N ILE A 182 -15.29 0.42 -1.16
CA ILE A 182 -13.94 -0.08 -0.87
C ILE A 182 -13.06 1.04 -0.37
N THR A 183 -13.16 2.21 -1.02
CA THR A 183 -12.34 3.34 -0.60
C THR A 183 -12.61 3.74 0.86
N VAL A 184 -13.88 3.83 1.20
CA VAL A 184 -14.27 4.16 2.56
C VAL A 184 -13.81 3.05 3.50
N TYR A 185 -13.82 1.81 3.03
CA TYR A 185 -13.32 0.72 3.86
C TYR A 185 -11.83 0.92 4.18
N ARG A 186 -11.06 1.26 3.15
CA ARG A 186 -9.62 1.44 3.35
C ARG A 186 -9.40 2.62 4.30
N LEU A 187 -10.22 3.65 4.16
CA LEU A 187 -10.15 4.79 5.06
C LEU A 187 -10.54 4.45 6.50
N ASP A 188 -11.43 3.46 6.68
CA ASP A 188 -11.80 2.99 8.01
C ASP A 188 -10.60 2.36 8.71
N ASP A 189 -9.65 1.86 7.92
CA ASP A 189 -8.43 1.30 8.45
C ASP A 189 -7.36 2.38 8.49
N VAL A 196 -11.24 -0.87 12.82
CA VAL A 196 -11.03 0.44 13.45
C VAL A 196 -12.33 1.26 13.45
N LYS A 197 -12.56 1.97 12.37
CA LYS A 197 -13.79 2.73 12.17
C LYS A 197 -14.79 1.93 11.35
N SER A 198 -16.00 2.45 11.21
CA SER A 198 -17.06 1.70 10.55
C SER A 198 -17.93 2.54 9.60
N PHE A 199 -17.41 3.67 9.16
CA PHE A 199 -18.13 4.50 8.20
C PHE A 199 -18.49 3.73 6.92
N SER A 200 -17.70 2.72 6.59
CA SER A 200 -17.88 1.96 5.35
C SER A 200 -19.03 0.97 5.36
N LEU A 201 -19.63 0.70 6.52
CA LEU A 201 -20.58 -0.41 6.59
C LEU A 201 -21.83 -0.18 5.75
N GLY A 202 -22.40 1.02 5.84
CA GLY A 202 -23.57 1.35 5.02
C GLY A 202 -23.23 1.28 3.54
N PRO A 203 -22.22 2.04 3.12
CA PRO A 203 -21.85 1.97 1.70
C PRO A 203 -21.59 0.55 1.23
N LEU A 204 -20.99 -0.30 2.07
CA LEU A 204 -20.71 -1.69 1.71
C LEU A 204 -22.01 -2.49 1.53
N ARG A 205 -22.93 -2.35 2.48
CA ARG A 205 -24.22 -3.02 2.29
C ARG A 205 -24.87 -2.58 0.97
N LYS A 206 -24.80 -1.29 0.67
CA LYS A 206 -25.45 -0.81 -0.56
C LYS A 206 -24.76 -1.42 -1.78
N ALA A 207 -23.43 -1.46 -1.73
CA ALA A 207 -22.66 -2.01 -2.85
C ALA A 207 -22.97 -3.50 -3.07
N VAL A 208 -23.15 -4.23 -1.99
CA VAL A 208 -23.49 -5.64 -2.10
C VAL A 208 -24.89 -5.78 -2.71
N THR A 209 -25.83 -4.96 -2.23
CA THR A 209 -27.18 -4.95 -2.80
C THR A 209 -27.14 -4.73 -4.31
N LEU A 210 -26.34 -3.79 -4.76
CA LEU A 210 -26.24 -3.48 -6.18
C LEU A 210 -25.41 -4.52 -6.97
N ASN A 211 -24.70 -5.39 -6.27
CA ASN A 211 -23.82 -6.34 -6.93
C ASN A 211 -23.95 -7.72 -6.32
N PRO A 212 -25.14 -8.34 -6.46
CA PRO A 212 -25.54 -9.56 -5.73
C PRO A 212 -24.67 -10.78 -6.01
N ASP A 213 -23.99 -10.74 -7.14
CA ASP A 213 -23.24 -11.86 -7.69
C ASP A 213 -21.75 -11.73 -7.40
N ASN A 214 -21.36 -10.62 -6.77
CA ASN A 214 -19.96 -10.21 -6.70
C ASN A 214 -19.28 -10.65 -5.39
N SER A 215 -18.31 -11.56 -5.50
CA SER A 215 -17.64 -12.08 -4.31
C SER A 215 -16.73 -11.05 -3.67
N TYR A 216 -16.10 -10.27 -4.53
CA TYR A 216 -15.12 -9.29 -4.11
C TYR A 216 -15.72 -8.36 -3.06
N ILE A 217 -16.86 -7.76 -3.37
CA ILE A 217 -17.43 -6.79 -2.46
C ILE A 217 -17.99 -7.45 -1.20
N LYS A 218 -18.51 -8.67 -1.34
CA LYS A 218 -19.03 -9.38 -0.17
C LYS A 218 -17.93 -9.66 0.83
N VAL A 219 -16.72 -9.94 0.34
CA VAL A 219 -15.66 -10.32 1.31
C VAL A 219 -15.31 -9.11 2.18
N PHE A 220 -15.35 -7.93 1.57
CA PHE A 220 -15.08 -6.74 2.35
C PHE A 220 -16.20 -6.40 3.34
N LEU A 221 -17.44 -6.64 2.90
CA LEU A 221 -18.55 -6.46 3.83
C LEU A 221 -18.35 -7.40 5.03
N ALA A 222 -17.99 -8.64 4.74
CA ALA A 222 -17.75 -9.63 5.80
C ALA A 222 -16.69 -9.15 6.78
N LEU A 223 -15.62 -8.57 6.24
CA LEU A 223 -14.55 -8.11 7.08
C LEU A 223 -14.99 -6.95 7.97
N LYS A 224 -15.80 -6.04 7.43
CA LYS A 224 -16.26 -4.89 8.21
C LYS A 224 -17.26 -5.37 9.29
N LEU A 225 -18.09 -6.34 8.96
CA LEU A 225 -19.00 -6.93 9.95
C LEU A 225 -18.19 -7.55 11.08
N GLN A 226 -17.12 -8.24 10.70
CA GLN A 226 -16.23 -8.82 11.71
C GLN A 226 -15.66 -7.72 12.62
N ASP A 227 -15.24 -6.63 12.00
CA ASP A 227 -14.74 -5.48 12.71
C ASP A 227 -15.73 -4.96 13.75
N VAL A 228 -17.02 -4.96 13.43
CA VAL A 228 -17.98 -4.44 14.40
C VAL A 228 -18.65 -5.55 15.22
N HIS A 229 -17.94 -6.66 15.38
CA HIS A 229 -18.41 -7.80 16.17
C HIS A 229 -19.74 -8.40 15.71
N ALA A 230 -19.93 -8.44 14.41
CA ALA A 230 -21.05 -9.15 13.82
C ALA A 230 -20.49 -10.34 13.05
N GLU A 231 -19.69 -11.13 13.75
CA GLU A 231 -18.96 -12.22 13.13
C GLU A 231 -19.86 -13.24 12.41
N ALA A 232 -21.04 -13.54 12.96
CA ALA A 232 -21.90 -14.56 12.34
C ALA A 232 -22.45 -14.13 10.98
N GLU A 233 -22.89 -12.88 10.89
CA GLU A 233 -23.43 -12.35 9.64
C GLU A 233 -22.29 -12.30 8.58
N GLY A 234 -21.12 -11.89 9.05
CA GLY A 234 -19.95 -11.83 8.19
C GLY A 234 -19.66 -13.20 7.63
N GLU A 235 -19.65 -14.18 8.53
CA GLU A 235 -19.25 -15.53 8.16
C GLU A 235 -20.27 -16.11 7.17
N LYS A 236 -21.52 -15.64 7.29
CA LYS A 236 -22.54 -16.03 6.35
C LYS A 236 -22.16 -15.56 4.95
N TYR A 237 -21.73 -14.29 4.84
CA TYR A 237 -21.24 -13.84 3.53
C TYR A 237 -20.05 -14.66 3.00
N ILE A 238 -19.11 -14.96 3.88
CA ILE A 238 -17.96 -15.79 3.47
C ILE A 238 -18.43 -17.15 2.89
N GLU A 239 -19.36 -17.79 3.60
CA GLU A 239 -19.85 -19.08 3.11
C GLU A 239 -20.58 -18.95 1.80
N GLU A 240 -21.33 -17.86 1.63
CA GLU A 240 -21.97 -17.59 0.36
C GLU A 240 -20.96 -17.53 -0.79
N ILE A 241 -19.77 -17.00 -0.56
CA ILE A 241 -18.84 -16.85 -1.68
C ILE A 241 -17.81 -17.98 -1.86
N LEU A 242 -17.69 -18.88 -0.87
CA LEU A 242 -16.62 -19.88 -0.91
C LEU A 242 -16.48 -20.69 -2.20
N ASP A 243 -17.58 -21.26 -2.68
CA ASP A 243 -17.53 -22.13 -3.84
C ASP A 243 -17.16 -21.36 -5.11
N GLN A 244 -17.36 -20.04 -5.10
CA GLN A 244 -17.14 -19.24 -6.28
C GLN A 244 -15.74 -18.64 -6.39
N ILE A 245 -14.97 -18.62 -5.30
CA ILE A 245 -13.68 -17.94 -5.31
C ILE A 245 -12.46 -18.87 -5.36
N SER A 246 -12.69 -20.15 -5.66
CA SER A 246 -11.64 -21.16 -5.57
C SER A 246 -10.43 -20.90 -6.43
N SER A 247 -10.60 -20.10 -7.49
CA SER A 247 -9.48 -19.75 -8.37
C SER A 247 -9.18 -18.25 -8.37
N GLN A 248 -9.58 -17.57 -7.31
CA GLN A 248 -9.46 -16.11 -7.26
C GLN A 248 -8.65 -15.73 -6.03
N PRO A 249 -7.32 -15.75 -6.19
CA PRO A 249 -6.37 -15.50 -5.08
C PRO A 249 -6.62 -14.16 -4.35
N TYR A 250 -7.05 -13.13 -5.07
CA TYR A 250 -7.30 -11.84 -4.44
C TYR A 250 -8.44 -11.91 -3.42
N VAL A 251 -9.54 -12.57 -3.79
CA VAL A 251 -10.65 -12.74 -2.88
C VAL A 251 -10.34 -13.77 -1.79
N LEU A 252 -9.67 -14.85 -2.20
CA LEU A 252 -9.28 -15.90 -1.25
C LEU A 252 -8.45 -15.31 -0.10
N ARG A 253 -7.52 -14.42 -0.40
CA ARG A 253 -6.65 -13.95 0.67
C ARG A 253 -7.39 -13.09 1.71
N TYR A 254 -8.45 -12.41 1.28
CA TYR A 254 -9.27 -11.66 2.24
C TYR A 254 -10.23 -12.55 3.04
N ALA A 255 -10.74 -13.59 2.38
CA ALA A 255 -11.58 -14.54 3.12
C ALA A 255 -10.71 -15.24 4.19
N ALA A 256 -9.48 -15.53 3.78
CA ALA A 256 -8.50 -16.14 4.68
C ALA A 256 -8.20 -15.20 5.84
N LYS A 257 -8.14 -13.90 5.54
CA LYS A 257 -7.98 -12.93 6.62
C LYS A 257 -9.13 -13.01 7.64
N PHE A 258 -10.35 -13.14 7.13
CA PHE A 258 -11.51 -13.27 8.00
C PHE A 258 -11.33 -14.46 8.97
N TYR A 259 -10.94 -15.61 8.42
CA TYR A 259 -10.75 -16.79 9.28
C TYR A 259 -9.63 -16.62 10.29
N ARG A 260 -8.51 -16.10 9.82
CA ARG A 260 -7.39 -15.81 10.70
C ARG A 260 -7.85 -14.95 11.88
N ARG A 261 -8.61 -13.88 11.60
CA ARG A 261 -9.00 -13.00 12.68
C ARG A 261 -10.01 -13.65 13.63
N LYS A 262 -10.66 -14.72 13.16
CA LYS A 262 -11.52 -15.54 14.02
C LYS A 262 -10.78 -16.71 14.70
N ASN A 263 -9.47 -16.81 14.51
CA ASN A 263 -8.68 -17.94 15.03
C ASN A 263 -8.97 -19.28 14.35
N SER A 264 -9.51 -19.25 13.15
CA SER A 264 -9.74 -20.48 12.39
C SER A 264 -8.52 -20.73 11.50
N TRP A 265 -7.40 -21.05 12.15
CA TRP A 265 -6.10 -21.14 11.48
C TRP A 265 -6.13 -22.04 10.25
N ASN A 266 -6.62 -23.27 10.42
CA ASN A 266 -6.63 -24.20 9.30
C ASN A 266 -7.47 -23.76 8.10
N LYS A 267 -8.60 -23.11 8.35
CA LYS A 267 -9.43 -22.64 7.27
C LYS A 267 -8.71 -21.55 6.45
N ALA A 268 -8.13 -20.62 7.19
CA ALA A 268 -7.33 -19.54 6.62
C ALA A 268 -6.23 -20.12 5.76
N LEU A 269 -5.54 -21.11 6.32
CA LEU A 269 -4.42 -21.71 5.60
C LEU A 269 -4.90 -22.43 4.35
N GLU A 270 -6.06 -23.07 4.45
CA GLU A 270 -6.66 -23.78 3.31
C GLU A 270 -6.88 -22.84 2.11
N LEU A 271 -7.47 -21.69 2.40
CA LEU A 271 -7.72 -20.70 1.33
C LEU A 271 -6.42 -20.07 0.81
N LEU A 272 -5.49 -19.79 1.71
CA LEU A 272 -4.22 -19.21 1.27
C LEU A 272 -3.43 -20.18 0.39
N LYS A 273 -3.49 -21.48 0.71
CA LYS A 273 -2.87 -22.52 -0.15
C LYS A 273 -3.51 -22.53 -1.53
N LYS A 274 -4.83 -22.45 -1.59
CA LYS A 274 -5.47 -22.28 -2.89
C LYS A 274 -5.00 -21.03 -3.69
N ALA A 275 -4.90 -19.92 -2.96
CA ALA A 275 -4.44 -18.67 -3.55
C ALA A 275 -3.03 -18.78 -4.11
N LEU A 276 -2.11 -19.34 -3.31
CA LEU A 276 -0.72 -19.50 -3.71
C LEU A 276 -0.61 -20.40 -4.94
N GLU A 277 -1.49 -21.39 -5.01
CA GLU A 277 -1.49 -22.24 -6.20
C GLU A 277 -1.87 -21.46 -7.44
N VAL A 278 -2.75 -20.48 -7.30
CA VAL A 278 -2.98 -19.66 -8.49
C VAL A 278 -1.82 -18.69 -8.81
N THR A 279 -1.25 -18.06 -7.78
CA THR A 279 -0.19 -17.08 -7.97
C THR A 279 0.99 -17.42 -7.06
N PRO A 280 1.83 -18.38 -7.47
CA PRO A 280 2.87 -18.76 -6.49
C PRO A 280 4.00 -17.74 -6.36
N THR A 281 4.01 -16.71 -7.22
CA THR A 281 5.09 -15.73 -7.17
C THR A 281 4.81 -14.65 -6.13
N SER A 282 3.68 -14.73 -5.44
CA SER A 282 3.22 -13.60 -4.62
C SER A 282 3.88 -13.49 -3.24
N SER A 283 4.62 -12.39 -3.00
CA SER A 283 5.13 -12.10 -1.65
C SER A 283 3.99 -11.87 -0.67
N PHE A 284 2.97 -11.14 -1.11
CA PHE A 284 1.87 -10.80 -0.24
C PHE A 284 1.25 -12.08 0.35
N LEU A 285 1.01 -13.08 -0.50
CA LEU A 285 0.38 -14.31 -0.06
C LEU A 285 1.25 -15.09 0.91
N HIS A 286 2.54 -15.20 0.59
CA HIS A 286 3.44 -15.92 1.48
C HIS A 286 3.47 -15.23 2.83
N HIS A 287 3.51 -13.92 2.81
CA HIS A 287 3.49 -13.13 4.04
C HIS A 287 2.20 -13.36 4.87
N GLN A 288 1.05 -13.39 4.20
CA GLN A 288 -0.19 -13.75 4.89
C GLN A 288 -0.13 -15.13 5.55
N MET A 289 0.42 -16.10 4.84
CA MET A 289 0.61 -17.43 5.45
C MET A 289 1.45 -17.33 6.73
N GLY A 290 2.56 -16.59 6.61
CA GLY A 290 3.43 -16.35 7.76
C GLY A 290 2.71 -15.76 8.96
N LEU A 291 1.91 -14.72 8.72
CA LEU A 291 1.07 -14.12 9.75
C LEU A 291 0.12 -15.13 10.39
N CYS A 292 -0.42 -16.02 9.58
CA CYS A 292 -1.35 -17.02 10.14
C CYS A 292 -0.63 -17.97 11.12
N TYR A 293 0.53 -18.48 10.69
CA TYR A 293 1.28 -19.40 11.54
C TYR A 293 1.70 -18.71 12.82
N ARG A 294 2.16 -17.48 12.65
CA ARG A 294 2.63 -16.71 13.78
C ARG A 294 1.49 -16.48 14.78
N ALA A 295 0.34 -16.09 14.28
CA ALA A 295 -0.80 -15.83 15.15
C ALA A 295 -1.19 -17.07 15.96
N GLN A 296 -1.22 -18.22 15.31
CA GLN A 296 -1.58 -19.43 16.06
C GLN A 296 -0.56 -19.67 17.17
N MET A 297 0.71 -19.55 16.80
CA MET A 297 1.78 -19.75 17.76
C MET A 297 1.62 -18.85 18.98
N ILE A 298 1.35 -17.57 18.73
CA ILE A 298 1.14 -16.60 19.81
C ILE A 298 -0.02 -17.03 20.69
N GLN A 299 -1.10 -17.45 20.05
CA GLN A 299 -2.26 -17.95 20.78
C GLN A 299 -1.88 -19.12 21.73
N ILE A 300 -1.14 -20.09 21.23
CA ILE A 300 -0.77 -21.23 22.07
C ILE A 300 0.13 -20.81 23.21
N LYS A 301 1.11 -19.94 22.92
CA LYS A 301 2.02 -19.48 23.97
C LYS A 301 1.26 -18.72 25.05
N LYS A 302 0.25 -17.97 24.64
CA LYS A 302 -0.59 -17.26 25.58
C LYS A 302 -1.39 -18.24 26.45
N ALA A 303 -2.05 -19.20 25.81
CA ALA A 303 -2.88 -20.14 26.56
C ALA A 303 -2.03 -21.02 27.46
N THR A 304 -0.77 -21.15 27.10
CA THR A 304 0.14 -22.05 27.77
C THR A 304 1.08 -21.24 28.66
N HIS A 305 0.76 -19.96 28.82
CA HIS A 305 1.55 -19.07 29.67
C HIS A 305 3.03 -19.16 29.37
N ASN A 306 3.37 -19.13 28.10
CA ASN A 306 4.76 -19.14 27.65
C ASN A 306 5.51 -20.42 28.03
N ARG A 307 4.78 -21.42 28.50
CA ARG A 307 5.39 -22.70 28.85
C ARG A 307 4.61 -23.88 28.27
N PRO A 308 4.59 -23.97 26.92
CA PRO A 308 3.92 -25.07 26.25
C PRO A 308 4.63 -26.42 26.49
N LYS A 309 3.87 -27.46 26.74
CA LYS A 309 4.43 -28.78 27.03
C LYS A 309 3.95 -29.77 26.00
N GLY A 310 4.64 -30.90 25.91
CA GLY A 310 4.17 -31.99 25.06
C GLY A 310 3.85 -31.58 23.65
N LYS A 311 2.65 -31.97 23.21
CA LYS A 311 2.17 -31.65 21.87
C LYS A 311 2.11 -30.15 21.61
N ASP A 312 1.71 -29.37 22.61
CA ASP A 312 1.68 -27.93 22.44
C ASP A 312 3.07 -27.42 22.08
N LYS A 313 4.08 -27.98 22.74
CA LYS A 313 5.48 -27.62 22.45
C LYS A 313 5.84 -27.98 21.00
N LEU A 314 5.53 -29.22 20.62
CA LEU A 314 5.76 -29.62 19.22
C LEU A 314 5.13 -28.61 18.24
N LYS A 315 3.88 -28.26 18.51
CA LYS A 315 3.13 -27.37 17.63
C LYS A 315 3.79 -26.00 17.53
N VAL A 316 4.14 -25.40 18.66
CA VAL A 316 4.78 -24.09 18.62
C VAL A 316 6.09 -24.14 17.84
N ASP A 317 6.87 -25.19 18.04
CA ASP A 317 8.11 -25.33 17.27
C ASP A 317 7.80 -25.33 15.76
N GLU A 318 6.83 -26.18 15.37
CA GLU A 318 6.48 -26.28 13.96
C GLU A 318 6.01 -24.94 13.39
N LEU A 319 5.17 -24.26 14.16
CA LEU A 319 4.59 -23.00 13.73
C LEU A 319 5.69 -21.95 13.53
N ILE A 320 6.64 -21.88 14.46
CA ILE A 320 7.76 -20.92 14.32
C ILE A 320 8.48 -21.17 13.02
N SER A 321 8.82 -22.43 12.76
CA SER A 321 9.52 -22.73 11.51
C SER A 321 8.70 -22.40 10.26
N SER A 322 7.40 -22.67 10.28
CA SER A 322 6.57 -22.35 9.12
C SER A 322 6.49 -20.84 8.87
N ALA A 323 6.29 -20.09 9.95
CA ALA A 323 6.22 -18.65 9.86
C ALA A 323 7.50 -18.12 9.23
N ILE A 324 8.63 -18.54 9.78
CA ILE A 324 9.92 -18.15 9.24
C ILE A 324 10.07 -18.48 7.76
N PHE A 325 9.60 -19.69 7.40
CA PHE A 325 9.70 -20.15 6.01
C PHE A 325 8.97 -19.19 5.07
N HIS A 326 7.75 -18.83 5.44
CA HIS A 326 6.95 -17.98 4.59
C HIS A 326 7.38 -16.52 4.59
N PHE A 327 7.85 -15.99 5.70
CA PHE A 327 8.38 -14.64 5.67
C PHE A 327 9.60 -14.58 4.72
N LYS A 328 10.49 -15.55 4.86
CA LYS A 328 11.61 -15.67 3.92
C LYS A 328 11.14 -15.78 2.47
N ALA A 329 10.16 -16.65 2.20
CA ALA A 329 9.63 -16.79 0.86
C ALA A 329 9.14 -15.44 0.30
N ALA A 330 8.44 -14.70 1.14
CA ALA A 330 7.95 -13.39 0.71
C ALA A 330 9.14 -12.51 0.32
N MET A 331 10.15 -12.47 1.19
CA MET A 331 11.34 -11.66 0.90
C MET A 331 12.00 -12.09 -0.41
N GLU A 332 12.09 -13.40 -0.65
CA GLU A 332 12.73 -13.89 -1.87
C GLU A 332 11.98 -13.39 -3.09
N ARG A 333 10.66 -13.29 -2.97
CA ARG A 333 9.86 -12.92 -4.14
C ARG A 333 9.75 -11.41 -4.39
N ASP A 334 10.15 -10.60 -3.42
CA ASP A 334 10.13 -9.16 -3.61
C ASP A 334 10.96 -8.49 -2.53
N SER A 335 12.21 -8.17 -2.85
CA SER A 335 13.15 -7.63 -1.88
C SER A 335 12.67 -6.31 -1.29
N MET A 336 11.64 -5.73 -1.90
CA MET A 336 11.07 -4.47 -1.44
C MET A 336 9.89 -4.69 -0.47
N PHE A 337 9.49 -5.94 -0.28
CA PHE A 337 8.33 -6.24 0.58
C PHE A 337 8.73 -6.15 2.06
N ALA A 338 8.81 -4.93 2.57
CA ALA A 338 9.41 -4.62 3.85
C ALA A 338 8.77 -5.32 5.05
N PHE A 339 7.44 -5.45 5.02
CA PHE A 339 6.72 -6.07 6.14
C PHE A 339 7.27 -7.46 6.46
N ALA A 340 7.75 -8.18 5.45
CA ALA A 340 8.22 -9.54 5.70
C ALA A 340 9.53 -9.50 6.47
N TYR A 341 10.32 -8.44 6.23
CA TYR A 341 11.60 -8.25 6.91
C TYR A 341 11.29 -7.96 8.36
N THR A 342 10.43 -6.98 8.62
CA THR A 342 10.17 -6.62 10.02
C THR A 342 9.50 -7.75 10.80
N ASP A 343 8.53 -8.43 10.18
CA ASP A 343 7.90 -9.56 10.87
C ASP A 343 8.88 -10.70 11.15
N LEU A 344 9.76 -10.99 10.19
CA LEU A 344 10.75 -12.03 10.39
C LEU A 344 11.70 -11.66 11.55
N ALA A 345 12.21 -10.43 11.47
CA ALA A 345 13.17 -9.94 12.45
C ALA A 345 12.58 -9.96 13.83
N ASN A 346 11.32 -9.55 13.93
CA ASN A 346 10.62 -9.51 15.21
C ASN A 346 10.40 -10.90 15.78
N MET A 347 10.14 -11.88 14.91
CA MET A 347 10.09 -13.26 15.36
C MET A 347 11.42 -13.74 15.94
N TYR A 348 12.50 -13.47 15.21
CA TYR A 348 13.81 -13.79 15.73
C TYR A 348 14.03 -13.14 17.10
N ALA A 349 13.73 -11.85 17.20
CA ALA A 349 13.98 -11.11 18.44
C ALA A 349 13.19 -11.71 19.60
N GLU A 350 11.93 -12.07 19.33
CA GLU A 350 11.11 -12.68 20.37
C GLU A 350 11.66 -14.03 20.83
N GLY A 351 12.32 -14.76 19.92
CA GLY A 351 12.93 -16.03 20.28
C GLY A 351 14.32 -15.89 20.86
N GLY A 352 14.74 -14.65 21.10
CA GLY A 352 16.05 -14.38 21.65
C GLY A 352 17.20 -14.47 20.63
N GLN A 353 16.87 -14.71 19.36
CA GLN A 353 17.90 -14.79 18.33
C GLN A 353 18.29 -13.40 17.80
N TYR A 354 19.04 -12.68 18.62
CA TYR A 354 19.35 -11.28 18.36
C TYR A 354 20.23 -11.09 17.15
N SER A 355 21.21 -11.98 16.96
CA SER A 355 22.09 -11.87 15.80
C SER A 355 21.29 -12.02 14.49
N ASN A 356 20.39 -13.00 14.46
CA ASN A 356 19.53 -13.19 13.30
C ASN A 356 18.62 -11.98 13.03
N ALA A 357 17.98 -11.48 14.09
CA ALA A 357 17.12 -10.31 13.97
C ALA A 357 17.93 -9.14 13.41
N GLU A 358 19.11 -8.93 13.98
CA GLU A 358 20.00 -7.87 13.54
C GLU A 358 20.31 -8.00 12.05
N ASP A 359 20.65 -9.20 11.60
CA ASP A 359 20.95 -9.41 10.19
C ASP A 359 19.76 -8.92 9.35
N ILE A 360 18.56 -9.36 9.71
CA ILE A 360 17.39 -9.01 8.90
C ILE A 360 17.07 -7.51 8.91
N PHE A 361 17.09 -6.91 10.10
CA PHE A 361 16.88 -5.48 10.26
C PHE A 361 17.91 -4.70 9.44
N ARG A 362 19.14 -5.18 9.41
CA ARG A 362 20.23 -4.49 8.73
C ARG A 362 19.90 -4.46 7.24
N LYS A 363 19.52 -5.62 6.73
CA LYS A 363 19.07 -5.69 5.35
C LYS A 363 17.97 -4.67 5.08
N ALA A 364 16.95 -4.66 5.92
CA ALA A 364 15.81 -3.74 5.74
C ALA A 364 16.25 -2.29 5.75
N LEU A 365 17.15 -1.95 6.66
CA LEU A 365 17.60 -0.57 6.80
C LEU A 365 18.40 -0.11 5.60
N ARG A 366 18.94 -1.06 4.83
CA ARG A 366 19.77 -0.70 3.69
C ARG A 366 18.97 -0.62 2.39
N LEU A 367 17.68 -0.91 2.45
CA LEU A 367 16.82 -0.82 1.28
C LEU A 367 16.51 0.64 1.00
N GLU A 368 17.04 1.18 -0.10
CA GLU A 368 16.83 2.59 -0.41
C GLU A 368 15.50 2.83 -1.15
N ASN A 369 15.21 1.99 -2.13
CA ASN A 369 14.06 2.22 -3.00
C ASN A 369 12.72 1.71 -2.47
N ILE A 370 12.48 1.84 -1.17
CA ILE A 370 11.17 1.46 -0.66
C ILE A 370 10.45 2.73 -0.27
N THR A 371 9.19 2.60 0.09
CA THR A 371 8.40 3.79 0.37
C THR A 371 8.76 4.40 1.72
N ASP A 372 8.55 5.70 1.84
CA ASP A 372 8.75 6.36 3.13
C ASP A 372 7.92 5.72 4.23
N ASP A 373 6.71 5.26 3.92
CA ASP A 373 5.89 4.65 4.97
C ASP A 373 6.55 3.38 5.54
N HIS A 374 7.08 2.55 4.65
CA HIS A 374 7.80 1.36 5.05
C HIS A 374 9.06 1.72 5.85
N LYS A 375 9.77 2.78 5.43
CA LYS A 375 10.99 3.20 6.13
C LYS A 375 10.66 3.67 7.56
N HIS A 376 9.59 4.43 7.67
CA HIS A 376 9.06 4.89 8.94
C HIS A 376 8.85 3.69 9.86
N GLN A 377 8.17 2.66 9.35
CA GLN A 377 7.89 1.51 10.20
C GLN A 377 9.14 0.68 10.52
N ILE A 378 10.03 0.52 9.56
CA ILE A 378 11.30 -0.19 9.80
C ILE A 378 12.08 0.48 10.94
N HIS A 379 12.28 1.79 10.84
CA HIS A 379 12.93 2.51 11.92
C HIS A 379 12.21 2.31 13.25
N TYR A 380 10.88 2.33 13.22
CA TYR A 380 10.15 2.15 14.46
C TYR A 380 10.45 0.79 15.11
N HIS A 381 10.36 -0.28 14.31
CA HIS A 381 10.59 -1.63 14.84
C HIS A 381 12.02 -1.89 15.27
N TYR A 382 12.99 -1.35 14.52
CA TYR A 382 14.39 -1.48 14.92
C TYR A 382 14.68 -0.68 16.21
N GLY A 383 14.03 0.46 16.34
CA GLY A 383 14.15 1.25 17.56
C GLY A 383 13.65 0.46 18.77
N ARG A 384 12.47 -0.13 18.63
CA ARG A 384 11.93 -0.96 19.71
C ARG A 384 12.83 -2.16 20.03
N PHE A 385 13.35 -2.80 19.00
CA PHE A 385 14.29 -3.89 19.20
C PHE A 385 15.50 -3.43 20.02
N GLN A 386 16.00 -2.25 19.70
CA GLN A 386 17.16 -1.69 20.38
C GLN A 386 16.82 -1.42 21.84
N GLU A 387 15.64 -0.85 22.06
CA GLU A 387 15.21 -0.46 23.41
C GLU A 387 14.91 -1.63 24.33
N PHE A 388 14.14 -2.61 23.85
CA PHE A 388 13.67 -3.69 24.72
C PHE A 388 14.52 -4.94 24.72
N HIS A 389 15.29 -5.16 23.65
CA HIS A 389 16.11 -6.37 23.60
C HIS A 389 17.59 -6.09 23.73
N ARG A 390 18.09 -5.08 23.03
CA ARG A 390 19.51 -4.74 23.15
C ARG A 390 19.74 -3.87 24.37
N LYS A 391 18.68 -3.23 24.85
CA LYS A 391 18.81 -2.23 25.90
C LYS A 391 19.83 -1.15 25.53
N SER A 392 19.91 -0.80 24.24
CA SER A 392 20.70 0.36 23.82
C SER A 392 19.80 1.59 23.67
N GLU A 393 19.78 2.42 24.70
CA GLU A 393 18.96 3.62 24.71
C GLU A 393 19.37 4.57 23.59
N ASN A 394 20.67 4.77 23.43
CA ASN A 394 21.19 5.66 22.41
C ASN A 394 20.71 5.27 21.00
N THR A 395 20.80 3.98 20.69
CA THR A 395 20.44 3.49 19.36
C THR A 395 18.92 3.59 19.15
N ALA A 396 18.16 3.23 20.18
CA ALA A 396 16.70 3.38 20.14
C ALA A 396 16.34 4.83 19.82
N ILE A 397 16.94 5.78 20.53
CA ILE A 397 16.70 7.19 20.25
C ILE A 397 16.99 7.51 18.79
N HIS A 398 18.17 7.13 18.32
CA HIS A 398 18.53 7.39 16.94
C HIS A 398 17.41 6.97 15.99
N HIS A 399 16.92 5.75 16.21
CA HIS A 399 15.98 5.16 15.27
C HIS A 399 14.54 5.68 15.42
N TYR A 400 14.10 5.92 16.64
CA TYR A 400 12.82 6.59 16.83
C TYR A 400 12.83 7.97 16.15
N LEU A 401 13.97 8.65 16.29
CA LEU A 401 14.15 9.94 15.65
C LEU A 401 14.07 9.84 14.13
N GLU A 402 14.81 8.89 13.56
CA GLU A 402 14.75 8.67 12.11
C GLU A 402 13.32 8.38 11.65
N ALA A 403 12.60 7.58 12.44
CA ALA A 403 11.22 7.27 12.08
C ALA A 403 10.38 8.55 12.02
N LEU A 404 10.55 9.42 13.02
CA LEU A 404 9.81 10.68 13.00
C LEU A 404 10.21 11.58 11.84
N LYS A 405 11.49 11.64 11.52
CA LYS A 405 11.97 12.48 10.45
C LYS A 405 11.36 12.03 9.11
N VAL A 406 11.22 10.73 8.93
CA VAL A 406 10.69 10.22 7.68
C VAL A 406 9.21 10.50 7.53
N LYS A 407 8.48 10.46 8.64
CA LYS A 407 7.03 10.64 8.59
C LYS A 407 6.54 11.27 9.89
N ASP A 408 6.44 12.59 9.88
CA ASP A 408 6.03 13.39 11.04
C ASP A 408 4.63 13.04 11.54
N ARG A 409 3.76 12.64 10.61
CA ARG A 409 2.35 12.47 10.91
C ARG A 409 1.91 11.05 10.57
N SER A 410 1.91 10.20 11.58
CA SER A 410 1.46 8.82 11.43
C SER A 410 0.82 8.40 12.73
N PRO A 411 0.20 7.22 12.75
CA PRO A 411 -0.36 6.64 13.98
C PRO A 411 0.70 6.50 15.09
N LEU A 412 1.97 6.34 14.71
CA LEU A 412 3.05 6.11 15.66
C LEU A 412 3.58 7.38 16.31
N ARG A 413 3.12 8.54 15.84
CA ARG A 413 3.69 9.83 16.23
C ARG A 413 3.81 10.00 17.75
N THR A 414 2.69 9.83 18.45
CA THR A 414 2.72 10.05 19.90
C THR A 414 3.67 9.08 20.58
N LYS A 415 3.63 7.81 20.20
CA LYS A 415 4.52 6.80 20.78
C LYS A 415 5.97 7.19 20.61
N LEU A 416 6.28 7.70 19.42
CA LEU A 416 7.65 8.07 19.10
C LEU A 416 8.09 9.26 19.93
N THR A 417 7.27 10.31 19.96
CA THR A 417 7.64 11.51 20.70
C THR A 417 7.83 11.21 22.19
N SER A 418 6.85 10.52 22.75
CA SER A 418 6.90 10.06 24.13
C SER A 418 8.20 9.28 24.42
N ALA A 419 8.42 8.20 23.68
CA ALA A 419 9.60 7.37 23.86
C ALA A 419 10.88 8.21 23.80
N LEU A 420 10.91 9.17 22.88
CA LEU A 420 12.09 10.01 22.75
C LEU A 420 12.36 10.81 24.03
N LYS A 421 11.32 11.48 24.54
CA LYS A 421 11.43 12.14 25.84
C LYS A 421 11.95 11.18 26.92
N LYS A 422 11.23 10.09 27.13
CA LYS A 422 11.65 9.08 28.11
C LYS A 422 13.15 8.78 28.02
N LEU A 423 13.60 8.37 26.84
CA LEU A 423 14.97 7.89 26.70
C LEU A 423 16.00 9.00 26.94
N SER A 424 15.68 10.18 26.42
CA SER A 424 16.58 11.32 26.59
C SER A 424 16.72 11.58 28.08
N THR A 425 15.63 11.38 28.83
CA THR A 425 15.64 11.63 30.25
C THR A 425 16.49 10.61 30.99
N LYS A 426 16.30 9.33 30.66
CA LYS A 426 17.18 8.29 31.18
C LYS A 426 18.64 8.70 31.00
N ARG A 427 18.96 9.31 29.85
CA ARG A 427 20.33 9.77 29.61
C ARG A 427 20.88 10.65 30.74
N LEU A 428 20.05 11.56 31.24
CA LEU A 428 20.46 12.52 32.28
C LEU A 428 20.70 11.92 33.67
N CYS A 429 20.42 10.63 33.84
CA CYS A 429 20.69 9.96 35.11
C CYS A 429 22.15 10.10 35.52
N HIS A 430 23.07 9.95 34.57
CA HIS A 430 24.50 9.92 34.88
C HIS A 430 25.35 10.81 33.99
N ASN A 431 24.76 11.33 32.92
CA ASN A 431 25.53 12.12 31.95
C ASN A 431 24.71 13.26 31.34
N ALA A 432 25.39 14.36 31.02
CA ALA A 432 24.75 15.43 30.27
C ALA A 432 24.33 14.83 28.94
N LEU A 433 23.33 15.42 28.30
CA LEU A 433 22.89 14.93 27.00
C LEU A 433 24.00 15.02 25.98
N ASP A 434 24.05 14.06 25.06
CA ASP A 434 25.00 14.10 23.94
C ASP A 434 24.30 14.57 22.66
N GLN A 436 23.16 13.18 20.03
CA GLN A 436 22.02 12.33 19.69
C GLN A 436 20.76 12.74 20.44
N SER A 437 20.86 12.90 21.77
CA SER A 437 19.66 13.16 22.58
C SER A 437 19.20 14.63 22.50
N LEU A 438 20.15 15.55 22.41
CA LEU A 438 19.84 16.97 22.25
C LEU A 438 19.10 17.18 20.93
N SER A 439 19.63 16.60 19.85
CA SER A 439 18.99 16.64 18.53
C SER A 439 17.57 16.09 18.59
N ALA A 440 17.39 15.00 19.34
CA ALA A 440 16.09 14.36 19.46
C ALA A 440 15.09 15.28 20.13
N LEU A 441 15.49 15.87 21.25
CA LEU A 441 14.60 16.77 21.94
C LEU A 441 14.30 18.02 21.12
N GLY A 442 15.31 18.52 20.42
CA GLY A 442 15.14 19.72 19.60
C GLY A 442 14.10 19.44 18.52
N PHE A 443 14.29 18.32 17.83
CA PHE A 443 13.34 17.89 16.84
C PHE A 443 11.93 17.79 17.43
N VAL A 444 11.80 17.09 18.55
CA VAL A 444 10.48 16.83 19.12
C VAL A 444 9.76 18.12 19.55
N TYR A 445 10.47 19.05 20.16
CA TYR A 445 9.81 20.28 20.59
C TYR A 445 9.51 21.20 19.41
N LYS A 446 10.41 21.22 18.42
CA LYS A 446 10.11 21.91 17.17
C LYS A 446 8.80 21.35 16.60
N LEU A 447 8.67 20.03 16.63
CA LEU A 447 7.50 19.35 16.09
C LEU A 447 6.24 19.71 16.88
N GLU A 448 6.33 19.64 18.20
CA GLU A 448 5.17 19.89 19.05
C GLU A 448 4.85 21.39 19.20
N GLY A 449 5.72 22.24 18.64
CA GLY A 449 5.46 23.67 18.61
C GLY A 449 6.23 24.53 19.61
N GLU A 450 7.00 23.89 20.49
CA GLU A 450 7.79 24.62 21.48
C GLU A 450 9.09 25.16 20.88
N LYS A 451 9.00 26.31 20.22
CA LYS A 451 10.13 26.86 19.47
C LYS A 451 11.31 27.25 20.36
N ARG A 452 11.02 27.83 21.53
CA ARG A 452 12.06 28.23 22.47
C ARG A 452 12.90 27.03 22.90
N GLN A 453 12.23 26.00 23.43
CA GLN A 453 12.89 24.78 23.88
C GLN A 453 13.72 24.17 22.77
N ALA A 454 13.05 23.94 21.65
CA ALA A 454 13.68 23.36 20.48
C ALA A 454 14.96 24.11 20.19
N ALA A 455 14.87 25.44 20.18
CA ALA A 455 16.00 26.29 19.87
C ALA A 455 17.17 26.04 20.84
N GLU A 456 16.86 26.09 22.14
CA GLU A 456 17.87 25.77 23.16
C GLU A 456 18.62 24.47 22.82
N TYR A 457 17.84 23.40 22.70
CA TYR A 457 18.44 22.08 22.44
C TYR A 457 19.31 22.10 21.20
N TYR A 458 18.79 22.67 20.12
CA TYR A 458 19.54 22.67 18.88
C TYR A 458 20.84 23.49 19.02
N GLU A 459 20.79 24.55 19.82
CA GLU A 459 21.98 25.35 20.08
C GLU A 459 23.06 24.51 20.76
N LYS A 460 22.67 23.76 21.78
CA LYS A 460 23.63 22.86 22.43
C LYS A 460 24.21 21.86 21.42
N ALA A 461 23.34 21.33 20.56
CA ALA A 461 23.78 20.41 19.52
C ALA A 461 24.82 21.04 18.58
N GLN A 462 24.58 22.28 18.17
CA GLN A 462 25.49 22.98 17.27
C GLN A 462 26.83 23.20 17.96
N LYS A 463 26.77 23.65 19.22
CA LYS A 463 27.96 23.67 20.06
C LYS A 463 28.77 22.39 19.84
N ILE A 464 28.18 21.25 20.17
CA ILE A 464 28.91 19.99 20.02
C ILE A 464 29.33 19.69 18.58
N ASP A 465 28.44 19.92 17.62
CA ASP A 465 28.76 19.67 16.22
C ASP A 465 28.46 20.88 15.32
N PRO A 466 29.32 21.89 15.39
CA PRO A 466 29.17 23.19 14.71
C PRO A 466 29.06 23.05 13.20
N GLU A 467 29.52 21.94 12.66
CA GLU A 467 29.49 21.71 11.22
C GLU A 467 28.17 21.11 10.76
N ASN A 468 27.39 20.57 11.69
CA ASN A 468 26.21 19.78 11.36
C ASN A 468 25.13 20.57 10.62
N ALA A 469 24.97 20.27 9.32
CA ALA A 469 24.02 20.97 8.46
C ALA A 469 22.57 20.82 8.93
N GLU A 470 22.30 19.73 9.63
CA GLU A 470 20.95 19.49 10.14
C GLU A 470 20.58 20.53 11.18
N PHE A 471 21.48 20.72 12.14
CA PHE A 471 21.27 21.68 13.21
C PHE A 471 21.28 23.09 12.64
N LEU A 472 22.07 23.30 11.60
CA LEU A 472 22.16 24.59 10.94
C LEU A 472 20.81 24.95 10.30
N THR A 473 20.23 24.00 9.59
CA THR A 473 18.91 24.20 8.97
C THR A 473 17.82 24.38 10.02
N ALA A 474 17.87 23.56 11.06
CA ALA A 474 16.89 23.63 12.13
C ALA A 474 16.91 25.03 12.72
N LEU A 475 18.11 25.53 12.99
CA LEU A 475 18.27 26.83 13.60
C LEU A 475 17.94 27.99 12.65
N CYS A 476 18.22 27.80 11.36
CA CYS A 476 17.73 28.74 10.34
C CYS A 476 16.19 28.87 10.40
N GLU A 477 15.49 27.75 10.46
CA GLU A 477 14.02 27.76 10.53
C GLU A 477 13.45 28.33 11.83
N LEU A 478 14.00 27.89 12.96
CA LEU A 478 13.60 28.41 14.26
C LEU A 478 13.89 29.91 14.37
N ARG A 479 14.85 30.38 13.58
CA ARG A 479 15.24 31.80 13.58
C ARG A 479 14.06 32.67 13.17
N LEU A 480 13.15 32.08 12.39
CA LEU A 480 11.95 32.78 11.94
C LEU A 480 10.88 32.78 13.02
#